data_8T2B
#
_entry.id   8T2B
#
_cell.length_a   77.719
_cell.length_b   81.570
_cell.length_c   324.504
_cell.angle_alpha   90.000
_cell.angle_beta   90.000
_cell.angle_gamma   90.000
#
_symmetry.space_group_name_H-M   'I 2 2 2'
#
loop_
_entity.id
_entity.type
_entity.pdbx_description
1 polymer 'RNA (90-MER)'
2 polymer 'BL3-6 Fab heavy chain'
3 polymer 'BL3-6 Fab light chain'
#
loop_
_entity_poly.entity_id
_entity_poly.type
_entity_poly.pdbx_seq_one_letter_code
_entity_poly.pdbx_strand_id
1 'polyribonucleotide'
;GGUUGCUCGACUGUGAGCGGACCUACCCACUGUGGAAACACCACAGGAACUUCCAACCUUCGGGUGGCGAGGUAGGGCAG
AAGAGUGACC
;
R
2 'polypeptide(L)'
;EISEVQLVESGGGLVQPGGSLRLSCAASGFYISYSSIHWVRQAPGKGLEWVASISPYSGSTYYADSVKGRFTISADTSKN
TAYLQMNSLRAEDTAVYYCARQGYRRRSGRGFDYWGQGTLVTVSSASTKGPSVFPLAPSSKSTSGGTAALGCLVKDYFPE
PVTVSWNSGALTSGVHTFPAVLQSSGLYSLSSVVTVPSSSLGTQTYICNVNHKPSNTKVDKKVEPKSCDKTHT
;
A
3 'polypeptide(L)'
;SDIQMTQSPSSLSASVGDRVTITCRASQSVSSAVAWYQQKPGKAPKLLIYSASSLYSGVPSRFSGSRSGTDFTLTISSLQ
PEDFATYYCQQSYSFPSTFGQGTKVEIKRTVAAPSVFIFPPSDEQLKSGTASVVCLLNNFYPREAKVQWKVDNALQSGNS
QESVTEQDSKDSTYSLSSTLTLSKADYEKHKVYACEVTHQGLSSPVTKSFNRGEC
;
B
#
# COMPACT_ATOMS: atom_id res chain seq x y z
N SER B 3 -1.18 24.77 -9.60
CA SER B 3 -0.85 25.61 -8.45
C SER B 3 0.46 25.17 -7.79
N GLU B 4 0.68 25.63 -6.56
CA GLU B 4 1.88 25.29 -5.82
C GLU B 4 1.60 24.68 -4.45
N VAL B 5 0.33 24.47 -4.08
CA VAL B 5 -0.01 24.05 -2.74
C VAL B 5 0.56 22.67 -2.46
N GLN B 6 1.56 22.59 -1.58
CA GLN B 6 2.26 21.35 -1.34
C GLN B 6 2.60 21.21 0.15
N LEU B 7 2.61 19.96 0.62
CA LEU B 7 2.94 19.63 2.00
C LEU B 7 3.92 18.48 2.02
N VAL B 8 5.03 18.62 2.74
CA VAL B 8 6.14 17.67 2.67
C VAL B 8 6.48 17.27 4.11
N GLU B 9 6.14 16.04 4.50
CA GLU B 9 6.46 15.59 5.85
C GLU B 9 7.90 15.14 5.93
N SER B 10 8.39 14.95 7.17
CA SER B 10 9.68 14.30 7.40
C SER B 10 9.94 14.21 8.90
N GLY B 11 11.00 13.48 9.23
CA GLY B 11 11.25 13.10 10.59
C GLY B 11 10.71 11.74 10.96
N GLY B 12 10.00 11.08 10.06
CA GLY B 12 9.54 9.75 10.37
C GLY B 12 10.63 8.73 10.18
N GLY B 13 10.49 7.61 10.87
CA GLY B 13 11.44 6.53 10.72
C GLY B 13 11.28 5.46 11.77
N LEU B 14 12.37 4.72 11.98
CA LEU B 14 12.38 3.63 12.93
C LEU B 14 12.74 4.23 14.27
N VAL B 15 12.00 3.86 15.31
CA VAL B 15 12.21 4.41 16.64
C VAL B 15 11.98 3.30 17.66
N GLN B 16 12.80 3.29 18.71
CA GLN B 16 12.68 2.27 19.74
C GLN B 16 11.42 2.55 20.54
N PRO B 17 10.76 1.52 21.09
CA PRO B 17 9.61 1.79 21.97
C PRO B 17 10.03 2.71 23.10
N GLY B 18 9.16 3.65 23.43
CA GLY B 18 9.44 4.62 24.47
C GLY B 18 10.15 5.87 24.00
N GLY B 19 10.65 5.89 22.78
CA GLY B 19 11.47 6.98 22.31
C GLY B 19 10.66 8.11 21.71
N SER B 20 11.37 9.07 21.17
CA SER B 20 10.78 10.33 20.75
C SER B 20 11.07 10.56 19.28
N LEU B 21 10.33 11.49 18.69
CA LEU B 21 10.43 11.81 17.29
C LEU B 21 9.75 13.16 17.07
N ARG B 22 10.13 13.88 16.03
CA ARG B 22 9.49 15.17 15.83
C ARG B 22 9.18 15.42 14.36
N LEU B 23 8.01 14.93 13.95
CA LEU B 23 7.61 15.01 12.56
C LEU B 23 7.46 16.47 12.15
N SER B 24 7.88 16.79 10.93
CA SER B 24 7.74 18.15 10.42
C SER B 24 6.86 18.15 9.19
N CYS B 25 6.51 19.33 8.74
CA CYS B 25 5.64 19.45 7.57
C CYS B 25 5.89 20.83 6.96
N ALA B 26 6.59 20.85 5.82
CA ALA B 26 6.85 22.08 5.09
C ALA B 26 5.66 22.39 4.18
N ALA B 27 5.17 23.63 4.23
CA ALA B 27 4.11 24.08 3.34
C ALA B 27 4.74 24.82 2.18
N SER B 28 4.13 24.75 1.01
CA SER B 28 4.76 25.36 -0.15
C SER B 28 3.91 26.43 -0.83
N GLY B 29 2.70 26.10 -1.26
CA GLY B 29 2.07 26.99 -2.20
C GLY B 29 1.06 27.92 -1.58
N PHE B 30 1.17 28.10 -0.26
CA PHE B 30 0.29 28.90 0.60
C PHE B 30 1.02 29.15 1.91
N TYR B 31 0.53 30.12 2.68
CA TYR B 31 1.03 30.31 4.03
C TYR B 31 0.14 29.59 5.03
N ILE B 32 0.75 28.93 6.02
CA ILE B 32 -0.07 28.18 6.96
C ILE B 32 -0.69 29.06 8.03
N SER B 33 -0.38 30.35 8.08
CA SER B 33 -0.96 31.16 9.14
C SER B 33 -2.45 31.35 8.98
N TYR B 34 -2.99 31.12 7.78
CA TYR B 34 -4.40 31.37 7.50
C TYR B 34 -5.23 30.10 7.46
N SER B 35 -4.64 28.95 7.71
CA SER B 35 -5.38 27.72 7.63
C SER B 35 -5.18 26.94 8.91
N SER B 36 -6.08 25.98 9.07
CA SER B 36 -5.95 25.03 10.15
C SER B 36 -5.03 23.92 9.63
N ILE B 37 -4.17 23.36 10.49
CA ILE B 37 -3.28 22.26 10.08
C ILE B 37 -3.51 21.05 10.98
N HIS B 38 -3.65 19.87 10.38
CA HIS B 38 -4.02 18.63 11.08
C HIS B 38 -3.03 17.53 10.75
N TRP B 39 -2.72 16.66 11.72
CA TRP B 39 -2.02 15.40 11.47
C TRP B 39 -3.01 14.22 11.49
N VAL B 40 -3.01 13.45 10.43
CA VAL B 40 -3.77 12.20 10.37
C VAL B 40 -2.81 11.04 10.15
N ARG B 41 -2.98 9.94 10.90
CA ARG B 41 -2.11 8.79 10.78
C ARG B 41 -2.87 7.54 10.35
N GLN B 42 -2.13 6.56 9.84
CA GLN B 42 -2.70 5.33 9.27
C GLN B 42 -1.77 4.14 9.53
N ALA B 43 -2.14 3.24 10.44
CA ALA B 43 -1.30 2.09 10.65
C ALA B 43 -1.38 1.24 9.40
N PRO B 44 -0.40 0.35 9.15
CA PRO B 44 -0.40 -0.37 7.87
C PRO B 44 -1.70 -1.12 7.71
N GLY B 45 -2.25 -1.08 6.50
CA GLY B 45 -3.49 -1.76 6.19
C GLY B 45 -4.69 -1.38 7.05
N LYS B 46 -4.52 -0.48 7.98
CA LYS B 46 -5.63 0.00 8.78
C LYS B 46 -6.19 1.30 8.16
N GLY B 47 -7.09 1.97 8.88
CA GLY B 47 -7.74 3.17 8.39
C GLY B 47 -7.11 4.50 8.85
N LEU B 48 -7.72 5.59 8.37
CA LEU B 48 -7.30 6.91 8.80
C LEU B 48 -7.67 7.13 10.26
N GLU B 49 -6.85 7.91 10.96
CA GLU B 49 -7.00 8.21 12.38
C GLU B 49 -6.51 9.63 12.62
N TRP B 50 -7.42 10.49 13.08
CA TRP B 50 -7.06 11.88 13.34
C TRP B 50 -6.20 11.92 14.61
N VAL B 51 -5.21 12.85 14.65
CA VAL B 51 -4.21 12.85 15.70
C VAL B 51 -4.20 14.15 16.50
N ALA B 52 -4.20 15.28 15.79
CA ALA B 52 -4.03 16.59 16.40
C ALA B 52 -4.28 17.61 15.32
N SER B 53 -4.41 18.85 15.75
CA SER B 53 -4.54 20.00 14.85
C SER B 53 -4.31 21.25 15.67
N ILE B 54 -3.96 22.32 14.98
CA ILE B 54 -3.74 23.61 15.64
C ILE B 54 -4.50 24.69 14.86
N SER B 55 -5.22 25.55 15.58
CA SER B 55 -6.16 26.38 14.85
C SER B 55 -5.52 27.72 14.47
N PRO B 56 -5.79 28.27 13.29
CA PRO B 56 -5.20 29.56 12.93
C PRO B 56 -5.67 30.66 13.86
N TYR B 57 -4.82 31.69 14.00
CA TYR B 57 -5.06 32.91 14.76
C TYR B 57 -5.04 32.74 16.28
N SER B 58 -5.17 31.52 16.79
CA SER B 58 -5.24 31.32 18.24
C SER B 58 -4.19 30.37 18.76
N GLY B 59 -3.67 29.46 17.93
CA GLY B 59 -2.77 28.43 18.39
C GLY B 59 -3.44 27.39 19.22
N SER B 60 -4.76 27.30 19.19
CA SER B 60 -5.42 26.35 20.07
C SER B 60 -5.14 24.94 19.56
N THR B 61 -4.80 24.02 20.46
CA THR B 61 -4.45 22.67 20.06
C THR B 61 -5.48 21.66 20.56
N TYR B 62 -5.77 20.69 19.71
CA TYR B 62 -6.75 19.62 19.99
C TYR B 62 -6.09 18.28 19.72
N TYR B 63 -6.29 17.31 20.59
CA TYR B 63 -5.66 16.00 20.38
C TYR B 63 -6.66 14.86 20.45
N ALA B 64 -6.52 13.94 19.51
CA ALA B 64 -6.97 12.59 19.73
C ALA B 64 -6.66 12.14 21.14
N ASP B 65 -7.57 11.36 21.69
CA ASP B 65 -7.46 10.93 23.07
C ASP B 65 -6.33 9.90 23.24
N SER B 66 -6.02 9.16 22.16
CA SER B 66 -5.03 8.11 22.23
C SER B 66 -3.61 8.65 22.26
N VAL B 67 -3.44 9.94 21.99
CA VAL B 67 -2.12 10.56 22.05
C VAL B 67 -2.06 11.69 23.06
N LYS B 68 -3.11 11.88 23.86
CA LYS B 68 -3.23 13.07 24.71
C LYS B 68 -2.18 13.02 25.78
N GLY B 69 -1.33 14.05 25.81
CA GLY B 69 -0.20 14.12 26.73
C GLY B 69 1.06 13.40 26.29
N ARG B 70 1.03 12.63 25.20
CA ARG B 70 2.27 12.14 24.64
C ARG B 70 2.66 12.87 23.37
N PHE B 71 1.74 13.56 22.71
CA PHE B 71 2.09 14.27 21.51
C PHE B 71 1.86 15.76 21.68
N THR B 72 2.49 16.56 20.84
CA THR B 72 2.30 18.00 20.93
C THR B 72 2.41 18.61 19.54
N ILE B 73 1.35 19.28 19.10
CA ILE B 73 1.33 19.88 17.77
C ILE B 73 1.54 21.37 17.93
N SER B 74 2.23 21.97 16.97
CA SER B 74 2.70 23.35 17.09
C SER B 74 3.16 23.82 15.72
N ALA B 75 3.14 25.14 15.54
CA ALA B 75 3.46 25.66 14.22
C ALA B 75 4.46 26.78 14.35
N ASP B 76 5.44 26.83 13.44
CA ASP B 76 6.32 27.99 13.33
C ASP B 76 5.90 28.74 12.08
N THR B 77 5.37 29.95 12.28
CA THR B 77 4.99 30.84 11.18
C THR B 77 6.17 31.19 10.30
N SER B 78 7.28 31.64 10.92
CA SER B 78 8.45 32.01 10.14
C SER B 78 8.87 30.92 9.19
N LYS B 79 8.94 29.70 9.69
CA LYS B 79 9.37 28.58 8.87
C LYS B 79 8.23 28.01 8.03
N ASN B 80 7.01 28.55 8.12
CA ASN B 80 5.88 28.03 7.36
C ASN B 80 5.83 26.51 7.50
N THR B 81 6.01 26.06 8.75
CA THR B 81 6.19 24.65 9.09
C THR B 81 5.30 24.32 10.28
N ALA B 82 4.85 23.06 10.33
CA ALA B 82 4.10 22.54 11.46
C ALA B 82 4.80 21.29 11.98
N TYR B 83 4.87 21.15 13.30
CA TYR B 83 5.58 20.05 13.93
C TYR B 83 4.63 19.16 14.72
N LEU B 84 5.17 18.00 15.11
CA LEU B 84 4.49 17.05 15.98
C LEU B 84 5.56 16.32 16.79
N GLN B 85 5.84 16.82 17.99
CA GLN B 85 6.65 16.04 18.90
C GLN B 85 5.82 14.90 19.43
N MET B 86 6.35 13.69 19.28
CA MET B 86 5.78 12.47 19.80
C MET B 86 6.76 11.96 20.86
N ASN B 87 6.31 11.88 22.11
CA ASN B 87 7.10 11.20 23.13
C ASN B 87 6.50 9.87 23.51
N SER B 88 7.33 9.11 24.21
CA SER B 88 6.90 7.89 24.89
C SER B 88 6.14 6.99 23.93
N LEU B 89 6.76 6.75 22.77
CA LEU B 89 6.06 6.09 21.66
C LEU B 89 5.88 4.61 21.96
N ARG B 90 4.80 4.04 21.44
CA ARG B 90 4.55 2.62 21.63
C ARG B 90 4.31 1.97 20.28
N ALA B 91 4.31 0.64 20.29
CA ALA B 91 4.25 -0.13 19.06
C ALA B 91 3.13 0.34 18.18
N GLU B 92 1.97 0.66 18.80
CA GLU B 92 0.78 0.93 18.03
C GLU B 92 0.78 2.32 17.44
N ASP B 93 1.76 3.16 17.74
CA ASP B 93 1.88 4.42 17.01
C ASP B 93 2.48 4.21 15.62
N THR B 94 2.79 2.96 15.27
CA THR B 94 3.41 2.64 14.01
C THR B 94 2.46 2.91 12.87
N ALA B 95 2.83 3.83 11.98
CA ALA B 95 1.88 4.39 11.03
C ALA B 95 2.60 5.36 10.09
N VAL B 96 2.01 5.56 8.91
CA VAL B 96 2.25 6.73 8.10
C VAL B 96 1.54 7.93 8.72
N TYR B 97 2.28 9.03 8.95
CA TYR B 97 1.72 10.23 9.59
C TYR B 97 1.58 11.31 8.52
N TYR B 98 0.34 11.61 8.16
CA TYR B 98 0.02 12.59 7.13
C TYR B 98 -0.26 13.99 7.71
N CYS B 99 0.21 15.01 7.01
CA CYS B 99 -0.06 16.41 7.30
C CYS B 99 -1.17 16.91 6.37
N ALA B 100 -2.06 17.78 6.88
CA ALA B 100 -3.22 18.19 6.08
C ALA B 100 -3.60 19.65 6.27
N ARG B 101 -3.92 20.32 5.16
CA ARG B 101 -4.42 21.67 5.25
C ARG B 101 -5.95 21.59 5.28
N GLN B 102 -6.56 22.18 6.30
CA GLN B 102 -8.01 22.39 6.30
C GLN B 102 -8.36 23.56 5.38
N GLY B 103 -9.19 23.30 4.38
CA GLY B 103 -9.39 24.26 3.31
C GLY B 103 -9.98 25.58 3.78
N TYR B 104 -9.93 26.56 2.88
CA TYR B 104 -10.55 27.85 3.15
C TYR B 104 -12.05 27.66 3.16
N ARG B 105 -12.68 28.03 4.28
CA ARG B 105 -14.11 27.81 4.51
C ARG B 105 -15.01 28.21 3.34
N ARG B 106 -14.78 29.37 2.74
CA ARG B 106 -15.62 29.79 1.62
C ARG B 106 -15.53 28.83 0.44
N ARG B 107 -14.45 28.04 0.36
CA ARG B 107 -14.18 27.16 -0.77
C ARG B 107 -14.43 25.68 -0.49
N SER B 108 -14.11 25.16 0.70
CA SER B 108 -14.21 23.72 0.89
C SER B 108 -14.69 23.34 2.28
N GLY B 109 -15.53 24.16 2.90
CA GLY B 109 -16.07 23.82 4.21
C GLY B 109 -14.98 23.54 5.23
N ARG B 110 -15.15 22.48 6.02
CA ARG B 110 -14.11 21.99 6.92
C ARG B 110 -13.43 20.75 6.35
N GLY B 111 -13.42 20.60 5.03
CA GLY B 111 -12.67 19.51 4.43
C GLY B 111 -11.18 19.73 4.57
N PHE B 112 -10.42 18.66 4.32
CA PHE B 112 -8.96 18.75 4.25
C PHE B 112 -8.59 18.69 2.76
N ASP B 113 -8.23 19.84 2.16
CA ASP B 113 -8.15 19.90 0.70
C ASP B 113 -6.74 19.64 0.14
N TYR B 114 -5.70 19.55 0.98
CA TYR B 114 -4.37 19.18 0.50
C TYR B 114 -3.71 18.32 1.55
N TRP B 115 -3.06 17.23 1.11
CA TRP B 115 -2.39 16.29 1.99
C TRP B 115 -0.95 16.12 1.57
N GLY B 116 -0.09 15.87 2.54
CA GLY B 116 1.26 15.42 2.24
C GLY B 116 1.27 13.98 1.77
N GLN B 117 2.47 13.50 1.43
CA GLN B 117 2.64 12.09 1.05
C GLN B 117 2.83 11.19 2.25
N GLY B 118 2.90 11.74 3.45
CA GLY B 118 3.01 10.95 4.64
C GLY B 118 4.40 10.46 4.94
N THR B 119 4.79 10.57 6.19
CA THR B 119 6.07 10.07 6.65
C THR B 119 5.77 8.80 7.41
N LEU B 120 6.62 7.78 7.28
CA LEU B 120 6.35 6.51 7.94
C LEU B 120 7.16 6.38 9.22
N VAL B 121 6.45 6.17 10.32
CA VAL B 121 7.01 6.00 11.65
C VAL B 121 6.83 4.52 12.04
N THR B 122 7.91 3.88 12.50
CA THR B 122 8.00 2.42 12.62
C THR B 122 8.49 2.08 14.02
N VAL B 123 7.60 1.90 14.99
CA VAL B 123 8.05 1.78 16.38
C VAL B 123 8.26 0.30 16.70
N SER B 124 9.52 -0.15 16.62
CA SER B 124 9.91 -1.45 17.17
C SER B 124 11.31 -1.28 17.70
N SER B 125 11.77 -2.31 18.40
CA SER B 125 13.12 -2.29 18.90
C SER B 125 14.07 -3.08 18.02
N ALA B 126 13.54 -4.02 17.24
CA ALA B 126 14.40 -4.90 16.43
C ALA B 126 15.13 -4.08 15.38
N SER B 127 16.42 -4.39 15.20
CA SER B 127 17.39 -3.51 14.55
C SER B 127 17.31 -3.61 13.02
N THR B 128 17.78 -2.56 12.33
CA THR B 128 17.61 -2.51 10.87
C THR B 128 18.54 -3.52 10.21
N LYS B 129 18.18 -3.91 8.98
CA LYS B 129 18.99 -4.85 8.20
C LYS B 129 18.61 -4.71 6.72
N GLY B 130 19.61 -4.69 5.84
CA GLY B 130 19.39 -4.51 4.42
C GLY B 130 19.06 -5.78 3.66
N PRO B 131 18.52 -5.65 2.46
CA PRO B 131 18.02 -6.83 1.76
C PRO B 131 19.12 -7.45 0.94
N SER B 132 19.26 -8.77 1.05
CA SER B 132 19.94 -9.46 -0.03
C SER B 132 18.97 -9.57 -1.21
N VAL B 133 19.42 -9.15 -2.40
CA VAL B 133 18.63 -9.11 -3.63
C VAL B 133 19.08 -10.21 -4.57
N PHE B 134 18.22 -11.18 -4.81
CA PHE B 134 18.62 -12.27 -5.66
C PHE B 134 17.78 -12.28 -6.94
N PRO B 135 18.34 -12.76 -8.06
CA PRO B 135 17.67 -12.61 -9.35
C PRO B 135 16.78 -13.78 -9.74
N LEU B 136 15.62 -13.42 -10.30
CA LEU B 136 14.61 -14.37 -10.78
C LEU B 136 14.79 -14.59 -12.28
N ALA B 137 15.69 -15.49 -12.63
CA ALA B 137 16.03 -15.70 -14.02
C ALA B 137 14.83 -16.23 -14.80
N PRO B 138 14.57 -15.71 -16.00
CA PRO B 138 13.47 -16.25 -16.82
C PRO B 138 13.78 -17.66 -17.33
N SER B 139 12.72 -18.33 -17.74
CA SER B 139 12.84 -19.69 -18.24
C SER B 139 13.60 -19.69 -19.54
N SER B 140 14.22 -20.83 -19.85
CA SER B 140 14.98 -21.00 -21.07
C SER B 140 14.09 -21.18 -22.29
N LYS B 141 12.77 -21.35 -22.11
CA LYS B 141 11.80 -21.38 -23.23
C LYS B 141 10.97 -20.08 -23.28
N GLY B 146 4.53 -15.89 -26.67
CA GLY B 146 5.95 -15.64 -26.89
C GLY B 146 6.59 -14.75 -25.84
N THR B 147 6.09 -14.81 -24.62
CA THR B 147 6.59 -13.97 -23.54
C THR B 147 6.86 -14.80 -22.30
N ALA B 148 7.97 -14.51 -21.63
CA ALA B 148 8.29 -15.07 -20.31
C ALA B 148 8.73 -13.94 -19.39
N ALA B 149 8.80 -14.26 -18.10
CA ALA B 149 8.84 -13.26 -17.05
C ALA B 149 10.07 -13.43 -16.16
N LEU B 150 10.63 -12.31 -15.72
CA LEU B 150 11.88 -12.27 -14.97
C LEU B 150 11.77 -11.17 -13.94
N GLY B 151 12.55 -11.28 -12.87
CA GLY B 151 12.40 -10.30 -11.82
C GLY B 151 13.50 -10.35 -10.79
N CYS B 152 13.22 -9.71 -9.66
CA CYS B 152 14.16 -9.69 -8.53
C CYS B 152 13.44 -10.13 -7.26
N LEU B 153 14.13 -10.92 -6.46
CA LEU B 153 13.65 -11.37 -5.15
C LEU B 153 14.38 -10.56 -4.07
N VAL B 154 13.68 -9.60 -3.46
CA VAL B 154 14.25 -8.78 -2.40
C VAL B 154 13.92 -9.43 -1.05
N LYS B 155 14.95 -9.95 -0.37
CA LYS B 155 14.76 -10.88 0.75
C LYS B 155 15.37 -10.37 2.04
N ASP B 156 14.61 -10.52 3.14
CA ASP B 156 15.03 -10.35 4.53
C ASP B 156 15.60 -8.95 4.83
N TYR B 157 14.77 -7.94 4.66
CA TYR B 157 15.17 -6.59 5.05
C TYR B 157 14.24 -6.09 6.13
N PHE B 158 14.65 -4.99 6.76
CA PHE B 158 13.86 -4.29 7.76
C PHE B 158 14.47 -2.94 8.10
N PRO B 159 13.64 -1.89 8.25
CA PRO B 159 12.19 -1.81 8.13
C PRO B 159 11.74 -1.48 6.75
N GLU B 160 10.44 -1.54 6.53
CA GLU B 160 9.89 -0.98 5.31
C GLU B 160 10.30 0.49 5.20
N PRO B 161 10.34 1.04 3.98
CA PRO B 161 10.11 0.44 2.68
C PRO B 161 11.36 0.18 1.85
N VAL B 162 11.31 -0.75 0.90
CA VAL B 162 12.27 -0.76 -0.21
C VAL B 162 11.62 -0.05 -1.39
N THR B 163 12.39 0.11 -2.44
CA THR B 163 11.89 0.53 -3.75
C THR B 163 12.61 -0.29 -4.81
N VAL B 164 11.86 -0.82 -5.76
CA VAL B 164 12.44 -1.52 -6.91
C VAL B 164 12.10 -0.70 -8.14
N SER B 165 13.10 -0.37 -8.93
CA SER B 165 12.86 0.03 -10.32
C SER B 165 13.68 -0.89 -11.21
N TRP B 166 13.36 -0.87 -12.50
CA TRP B 166 14.05 -1.67 -13.49
C TRP B 166 14.75 -0.76 -14.48
N ASN B 167 16.02 -1.04 -14.75
CA ASN B 167 16.77 -0.34 -15.79
C ASN B 167 16.81 1.16 -15.49
N SER B 168 17.05 1.48 -14.22
CA SER B 168 17.02 2.86 -13.71
C SER B 168 15.68 3.53 -14.04
N GLY B 169 14.60 2.80 -13.85
CA GLY B 169 13.29 3.38 -14.08
C GLY B 169 12.89 3.56 -15.52
N ALA B 170 13.72 3.13 -16.47
CA ALA B 170 13.34 3.20 -17.88
C ALA B 170 12.27 2.17 -18.22
N LEU B 171 12.41 0.94 -17.72
CA LEU B 171 11.42 -0.11 -17.92
C LEU B 171 10.35 0.01 -16.84
N THR B 172 9.22 0.62 -17.19
CA THR B 172 8.11 0.72 -16.26
C THR B 172 6.92 -0.15 -16.64
N SER B 173 6.79 -0.54 -17.90
CA SER B 173 5.65 -1.32 -18.34
C SER B 173 5.72 -2.77 -17.89
N GLY B 174 4.57 -3.32 -17.51
CA GLY B 174 4.45 -4.72 -17.21
C GLY B 174 4.96 -5.14 -15.85
N VAL B 175 5.46 -4.20 -15.06
CA VAL B 175 6.12 -4.50 -13.80
C VAL B 175 5.09 -4.72 -12.70
N HIS B 176 5.24 -5.80 -11.92
CA HIS B 176 4.54 -6.00 -10.65
C HIS B 176 5.52 -6.12 -9.50
N THR B 177 5.56 -5.11 -8.64
CA THR B 177 6.37 -5.21 -7.42
C THR B 177 5.41 -5.50 -6.25
N PHE B 178 5.39 -6.73 -5.81
CA PHE B 178 4.44 -7.23 -4.83
C PHE B 178 4.67 -6.62 -3.43
N PRO B 179 3.60 -6.47 -2.65
CA PRO B 179 3.76 -5.91 -1.31
C PRO B 179 4.57 -6.83 -0.45
N ALA B 180 5.39 -6.24 0.43
CA ALA B 180 6.20 -7.06 1.31
C ALA B 180 5.30 -7.93 2.14
N VAL B 181 5.70 -9.16 2.39
CA VAL B 181 5.08 -9.93 3.44
C VAL B 181 6.12 -10.09 4.53
N LEU B 182 5.63 -10.36 5.73
CA LEU B 182 6.45 -10.42 6.93
C LEU B 182 6.96 -11.84 7.11
N GLN B 183 8.26 -12.04 6.92
CA GLN B 183 8.86 -13.30 7.33
C GLN B 183 8.70 -13.54 8.83
N SER B 184 8.39 -14.79 9.17
CA SER B 184 8.39 -15.21 10.57
C SER B 184 9.69 -14.81 11.23
N SER B 185 10.75 -14.69 10.44
CA SER B 185 12.03 -14.16 10.90
C SER B 185 11.92 -12.73 11.41
N GLY B 186 10.75 -12.13 11.28
CA GLY B 186 10.56 -10.75 11.67
C GLY B 186 10.86 -9.75 10.58
N LEU B 187 11.57 -10.17 9.53
CA LEU B 187 12.04 -9.32 8.46
C LEU B 187 11.04 -9.26 7.31
N TYR B 188 11.28 -8.35 6.39
CA TYR B 188 10.47 -8.23 5.18
C TYR B 188 11.14 -8.84 3.96
N SER B 189 10.37 -9.64 3.23
CA SER B 189 10.70 -10.09 1.91
C SER B 189 9.61 -9.63 0.96
N LEU B 190 10.00 -9.39 -0.29
CA LEU B 190 9.05 -9.15 -1.38
C LEU B 190 9.78 -9.46 -2.68
N SER B 191 9.04 -9.61 -3.75
CA SER B 191 9.69 -9.80 -5.02
C SER B 191 9.02 -8.95 -6.09
N SER B 192 9.83 -8.43 -7.01
CA SER B 192 9.35 -7.65 -8.14
C SER B 192 9.60 -8.50 -9.37
N VAL B 193 8.69 -8.41 -10.33
CA VAL B 193 8.78 -9.14 -11.57
C VAL B 193 8.32 -8.23 -12.68
N VAL B 194 8.68 -8.63 -13.89
CA VAL B 194 8.26 -7.96 -15.11
C VAL B 194 8.24 -9.02 -16.21
N THR B 195 7.32 -8.87 -17.17
CA THR B 195 7.27 -9.75 -18.32
C THR B 195 7.77 -9.03 -19.55
N VAL B 196 8.54 -9.74 -20.36
CA VAL B 196 9.10 -9.20 -21.59
C VAL B 196 8.91 -10.24 -22.70
N PRO B 197 8.73 -9.81 -23.94
CA PRO B 197 8.76 -10.79 -25.06
C PRO B 197 10.10 -11.51 -25.12
N SER B 198 10.06 -12.77 -25.56
CA SER B 198 11.20 -13.68 -25.37
C SER B 198 12.46 -13.23 -26.11
N SER B 199 12.31 -12.59 -27.27
CA SER B 199 13.44 -12.28 -28.15
C SER B 199 14.50 -11.37 -27.51
N SER B 200 14.07 -10.40 -26.68
CA SER B 200 14.96 -9.41 -26.09
C SER B 200 16.01 -10.02 -25.15
N LEU B 201 15.79 -11.25 -24.69
CA LEU B 201 16.64 -11.97 -23.78
C LEU B 201 18.14 -11.82 -24.06
N GLY B 202 18.57 -12.19 -25.27
CA GLY B 202 19.99 -12.17 -25.56
C GLY B 202 20.62 -10.79 -25.53
N THR B 203 19.87 -9.78 -25.96
CA THR B 203 20.43 -8.47 -26.25
C THR B 203 20.06 -7.39 -25.24
N GLN B 204 19.01 -7.58 -24.45
CA GLN B 204 18.50 -6.54 -23.56
C GLN B 204 18.97 -6.76 -22.14
N THR B 205 19.82 -5.85 -21.65
CA THR B 205 20.23 -5.88 -20.25
C THR B 205 19.02 -5.59 -19.36
N TYR B 206 18.83 -6.43 -18.33
CA TYR B 206 17.72 -6.31 -17.38
C TYR B 206 18.26 -6.18 -15.97
N ILE B 207 18.33 -4.95 -15.49
CA ILE B 207 18.82 -4.67 -14.15
C ILE B 207 17.64 -4.12 -13.35
N CYS B 208 17.42 -4.68 -12.17
CA CYS B 208 16.53 -4.07 -11.20
C CYS B 208 17.38 -3.26 -10.22
N ASN B 209 16.87 -2.11 -9.80
CA ASN B 209 17.52 -1.23 -8.85
C ASN B 209 16.75 -1.29 -7.53
N VAL B 210 17.38 -1.80 -6.49
CA VAL B 210 16.74 -1.99 -5.20
C VAL B 210 17.37 -0.99 -4.25
N ASN B 211 16.54 -0.13 -3.67
CA ASN B 211 16.97 0.87 -2.71
C ASN B 211 16.25 0.61 -1.42
N HIS B 212 17.00 0.57 -0.33
CA HIS B 212 16.46 0.42 1.01
C HIS B 212 17.05 1.54 1.87
N LYS B 213 16.38 2.69 1.84
CA LYS B 213 16.92 3.87 2.55
C LYS B 213 17.21 3.66 4.05
N PRO B 214 16.41 2.89 4.83
CA PRO B 214 16.71 2.80 6.28
C PRO B 214 18.11 2.33 6.59
N SER B 215 18.60 1.38 5.80
CA SER B 215 19.93 0.79 5.94
C SER B 215 20.98 1.47 5.09
N ASN B 216 20.59 2.48 4.32
CA ASN B 216 21.47 3.14 3.35
C ASN B 216 21.92 2.17 2.25
N THR B 217 21.10 1.15 1.97
CA THR B 217 21.46 0.09 1.03
C THR B 217 20.83 0.36 -0.32
N LYS B 218 21.67 0.58 -1.32
CA LYS B 218 21.26 0.49 -2.72
C LYS B 218 21.95 -0.73 -3.31
N VAL B 219 21.16 -1.63 -3.89
CA VAL B 219 21.66 -2.71 -4.71
C VAL B 219 21.12 -2.52 -6.12
N ASP B 220 21.96 -2.83 -7.10
CA ASP B 220 21.55 -3.04 -8.48
C ASP B 220 21.89 -4.47 -8.81
N LYS B 221 20.92 -5.22 -9.32
CA LYS B 221 21.17 -6.60 -9.70
C LYS B 221 20.80 -6.73 -11.16
N LYS B 222 21.79 -7.14 -11.97
CA LYS B 222 21.51 -7.48 -13.35
C LYS B 222 20.84 -8.85 -13.41
N VAL B 223 19.75 -8.95 -14.16
CA VAL B 223 19.01 -10.20 -14.30
C VAL B 223 19.21 -10.70 -15.72
N GLU B 224 20.09 -11.66 -15.87
CA GLU B 224 20.40 -12.34 -17.12
C GLU B 224 19.75 -13.72 -17.15
N PRO B 225 19.69 -14.39 -18.32
CA PRO B 225 18.97 -15.67 -18.42
C PRO B 225 19.69 -16.85 -17.78
N LYS B 226 19.16 -18.06 -17.94
CA LYS B 226 19.86 -19.25 -17.46
C LYS B 226 21.23 -19.35 -18.12
N SER B 227 22.26 -19.54 -17.28
CA SER B 227 23.64 -19.43 -17.73
C SER B 227 23.99 -20.54 -18.73
N CYS B 228 23.37 -21.70 -18.60
CA CYS B 228 23.58 -22.78 -19.55
C CYS B 228 22.54 -22.75 -20.66
N SER C 1 -18.02 13.12 25.43
CA SER C 1 -17.99 11.86 24.70
C SER C 1 -17.58 12.06 23.24
N ASP C 2 -17.16 10.97 22.58
CA ASP C 2 -16.76 11.04 21.18
C ASP C 2 -17.90 10.68 20.24
N ILE C 3 -17.99 11.44 19.15
CA ILE C 3 -18.88 11.08 18.06
C ILE C 3 -18.28 9.92 17.29
N GLN C 4 -19.07 8.88 17.10
CA GLN C 4 -18.63 7.72 16.37
C GLN C 4 -19.09 7.85 14.93
N MET C 5 -18.22 7.55 13.98
CA MET C 5 -18.64 7.48 12.59
C MET C 5 -18.59 6.02 12.20
N THR C 6 -19.75 5.43 11.91
CA THR C 6 -19.86 3.99 11.76
C THR C 6 -20.30 3.70 10.32
N GLN C 7 -19.34 3.40 9.46
CA GLN C 7 -19.54 3.43 8.01
C GLN C 7 -19.58 2.00 7.49
N SER C 8 -20.53 1.71 6.61
CA SER C 8 -20.79 0.40 6.03
C SER C 8 -21.03 0.52 4.54
N PRO C 9 -20.75 -0.54 3.75
CA PRO C 9 -20.19 -1.83 4.13
C PRO C 9 -18.71 -1.65 4.38
N SER C 10 -18.04 -2.67 4.93
CA SER C 10 -16.59 -2.60 4.99
C SER C 10 -15.95 -2.66 3.61
N SER C 11 -16.64 -3.26 2.63
CA SER C 11 -16.09 -3.60 1.33
C SER C 11 -17.22 -3.81 0.32
N LEU C 12 -16.92 -3.54 -0.96
CA LEU C 12 -17.92 -3.44 -2.02
C LEU C 12 -17.33 -3.93 -3.34
N SER C 13 -17.87 -5.00 -3.92
CA SER C 13 -17.52 -5.34 -5.30
C SER C 13 -18.64 -4.91 -6.23
N ALA C 14 -18.26 -4.27 -7.33
CA ALA C 14 -19.29 -3.79 -8.22
C ALA C 14 -18.78 -3.76 -9.65
N SER C 15 -19.71 -3.97 -10.56
CA SER C 15 -19.46 -3.95 -11.98
C SER C 15 -19.20 -2.51 -12.43
N VAL C 16 -18.47 -2.37 -13.54
CA VAL C 16 -18.29 -1.04 -14.10
C VAL C 16 -19.66 -0.47 -14.45
N GLY C 17 -19.89 0.78 -14.06
CA GLY C 17 -21.15 1.42 -14.41
C GLY C 17 -22.33 1.12 -13.50
N ASP C 18 -22.13 0.36 -12.44
CA ASP C 18 -23.16 0.17 -11.42
C ASP C 18 -23.34 1.44 -10.60
N ARG C 19 -24.38 1.46 -9.78
CA ARG C 19 -24.50 2.47 -8.74
C ARG C 19 -23.96 1.89 -7.43
N VAL C 20 -23.19 2.69 -6.70
CA VAL C 20 -22.69 2.28 -5.38
C VAL C 20 -23.05 3.33 -4.34
N THR C 21 -23.46 2.89 -3.16
CA THR C 21 -23.87 3.76 -2.08
C THR C 21 -23.09 3.36 -0.84
N ILE C 22 -22.39 4.30 -0.24
CA ILE C 22 -21.72 4.09 1.03
C ILE C 22 -22.41 4.99 2.04
N THR C 23 -22.61 4.49 3.23
CA THR C 23 -23.35 5.25 4.21
C THR C 23 -22.54 5.33 5.50
N CYS C 24 -22.71 6.43 6.22
CA CYS C 24 -21.96 6.66 7.44
C CYS C 24 -22.95 7.22 8.43
N ARG C 25 -23.00 6.69 9.64
CA ARG C 25 -24.05 7.06 10.59
C ARG C 25 -23.47 7.60 11.88
N ALA C 26 -23.47 8.93 11.97
CA ALA C 26 -22.83 9.62 13.09
C ALA C 26 -23.56 9.32 14.37
N SER C 27 -22.83 8.87 15.39
CA SER C 27 -23.52 8.49 16.61
C SER C 27 -24.20 9.69 17.26
N GLN C 28 -23.86 10.91 16.86
CA GLN C 28 -24.52 12.11 17.34
C GLN C 28 -24.77 13.03 16.16
N SER C 29 -25.51 14.10 16.42
CA SER C 29 -25.73 15.06 15.36
C SER C 29 -24.42 15.77 15.09
N VAL C 30 -24.01 15.76 13.83
CA VAL C 30 -22.76 16.39 13.43
C VAL C 30 -23.10 17.42 12.37
N SER C 31 -24.34 17.94 12.43
CA SER C 31 -24.80 18.98 11.53
C SER C 31 -24.49 18.53 10.10
N SER C 32 -23.93 19.38 9.23
CA SER C 32 -23.54 18.88 7.92
C SER C 32 -22.02 18.85 7.81
N ALA C 33 -21.34 18.74 8.94
CA ALA C 33 -19.88 18.77 8.97
C ALA C 33 -19.24 17.42 8.61
N VAL C 34 -19.59 16.88 7.45
CA VAL C 34 -19.11 15.56 7.04
C VAL C 34 -18.45 15.67 5.67
N ALA C 35 -17.23 15.14 5.55
CA ALA C 35 -16.48 15.17 4.29
C ALA C 35 -16.17 13.75 3.85
N TRP C 36 -16.18 13.55 2.53
CA TRP C 36 -15.88 12.24 1.94
C TRP C 36 -14.55 12.27 1.22
N TYR C 37 -13.74 11.23 1.47
CA TYR C 37 -12.43 11.11 0.85
C TYR C 37 -12.26 9.81 0.07
N GLN C 38 -11.65 9.94 -1.10
CA GLN C 38 -11.08 8.86 -1.89
C GLN C 38 -9.59 8.68 -1.58
N GLN C 39 -9.17 7.44 -1.31
CA GLN C 39 -7.75 7.12 -1.10
C GLN C 39 -7.37 5.90 -1.91
N LYS C 40 -6.45 6.05 -2.77
CA LYS C 40 -6.02 4.88 -3.52
C LYS C 40 -4.74 4.33 -2.91
N PRO C 41 -4.43 3.04 -3.07
CA PRO C 41 -3.27 2.47 -2.39
C PRO C 41 -2.04 3.31 -2.64
N GLY C 42 -1.25 3.51 -1.58
CA GLY C 42 -0.01 4.24 -1.67
C GLY C 42 -0.15 5.75 -1.80
N LYS C 43 -1.37 6.27 -1.91
CA LYS C 43 -1.55 7.71 -2.10
C LYS C 43 -2.22 8.33 -0.88
N ALA C 44 -2.07 9.64 -0.77
CA ALA C 44 -2.78 10.38 0.24
C ALA C 44 -4.24 10.49 -0.15
N PRO C 45 -5.12 10.65 0.84
CA PRO C 45 -6.54 10.80 0.52
C PRO C 45 -6.80 12.08 -0.26
N LYS C 46 -7.85 12.08 -1.07
CA LYS C 46 -8.23 13.26 -1.80
C LYS C 46 -9.67 13.62 -1.42
N LEU C 47 -9.96 14.92 -1.28
CA LEU C 47 -11.29 15.37 -0.86
C LEU C 47 -12.31 15.26 -1.99
N LEU C 48 -13.53 14.80 -1.67
CA LEU C 48 -14.61 14.74 -2.66
C LEU C 48 -15.83 15.57 -2.30
N ILE C 49 -16.36 15.43 -1.09
CA ILE C 49 -17.53 16.20 -0.65
C ILE C 49 -17.16 16.86 0.66
N TYR C 50 -17.75 18.03 0.93
CA TYR C 50 -17.25 18.54 2.19
C TYR C 50 -18.38 18.97 3.13
N SER C 51 -19.42 19.59 2.62
CA SER C 51 -20.52 20.00 3.49
C SER C 51 -21.65 18.99 3.49
N ALA C 52 -21.28 17.73 3.36
CA ALA C 52 -22.14 16.55 3.20
C ALA C 52 -22.86 16.52 1.86
N SER C 53 -22.86 17.63 1.09
CA SER C 53 -23.39 17.62 -0.26
C SER C 53 -22.56 18.38 -1.27
N SER C 54 -21.53 19.09 -0.85
CA SER C 54 -20.87 20.03 -1.73
C SER C 54 -19.70 19.35 -2.41
N LEU C 55 -19.81 19.19 -3.73
CA LEU C 55 -18.77 18.55 -4.55
C LEU C 55 -17.56 19.48 -4.63
N TYR C 56 -16.44 19.04 -4.05
CA TYR C 56 -15.23 19.84 -4.00
C TYR C 56 -14.80 20.26 -5.41
N SER C 57 -13.85 21.19 -5.49
CA SER C 57 -13.39 21.64 -6.79
C SER C 57 -12.67 20.52 -7.53
N GLY C 58 -13.16 20.18 -8.72
CA GLY C 58 -12.49 19.23 -9.59
C GLY C 58 -12.91 17.78 -9.42
N VAL C 59 -13.72 17.46 -8.43
CA VAL C 59 -14.20 16.09 -8.30
C VAL C 59 -15.30 15.88 -9.34
N PRO C 60 -15.29 14.76 -10.07
CA PRO C 60 -16.25 14.56 -11.18
C PRO C 60 -17.69 14.47 -10.71
N SER C 61 -18.61 14.90 -11.58
CA SER C 61 -20.02 15.06 -11.20
C SER C 61 -20.67 13.76 -10.75
N ARG C 62 -20.08 12.60 -11.11
CA ARG C 62 -20.62 11.30 -10.69
C ARG C 62 -20.46 11.03 -9.20
N PHE C 63 -19.93 11.96 -8.42
CA PHE C 63 -19.89 11.85 -6.97
C PHE C 63 -20.83 12.88 -6.36
N SER C 64 -21.44 12.54 -5.23
CA SER C 64 -22.32 13.49 -4.55
C SER C 64 -22.57 13.00 -3.14
N GLY C 65 -22.55 13.92 -2.19
CA GLY C 65 -22.97 13.60 -0.84
C GLY C 65 -24.46 13.87 -0.65
N SER C 66 -25.00 13.34 0.45
CA SER C 66 -26.40 13.58 0.78
C SER C 66 -26.61 13.25 2.24
N ARG C 67 -27.17 14.20 2.97
CA ARG C 67 -27.39 14.00 4.38
C ARG C 67 -28.85 13.70 4.66
N SER C 68 -29.08 12.82 5.64
CA SER C 68 -30.43 12.56 6.14
C SER C 68 -30.36 12.43 7.67
N GLY C 69 -30.46 13.57 8.37
CA GLY C 69 -30.25 13.55 9.80
C GLY C 69 -28.84 13.12 10.11
N THR C 70 -28.70 12.07 10.91
CA THR C 70 -27.36 11.56 11.25
C THR C 70 -26.92 10.45 10.30
N ASP C 71 -27.28 10.53 9.01
CA ASP C 71 -27.00 9.50 8.02
C ASP C 71 -26.50 10.16 6.74
N PHE C 72 -25.26 9.84 6.37
CA PHE C 72 -24.52 10.49 5.29
C PHE C 72 -24.17 9.45 4.24
N THR C 73 -24.47 9.75 2.96
CA THR C 73 -24.29 8.78 1.87
C THR C 73 -23.53 9.39 0.71
N LEU C 74 -22.44 8.72 0.31
CA LEU C 74 -21.66 9.07 -0.86
C LEU C 74 -22.14 8.20 -2.02
N THR C 75 -22.41 8.80 -3.18
CA THR C 75 -23.16 8.11 -4.23
C THR C 75 -22.46 8.26 -5.57
N ILE C 76 -21.99 7.14 -6.13
CA ILE C 76 -21.44 7.09 -7.47
C ILE C 76 -22.54 6.59 -8.41
N SER C 77 -23.00 7.45 -9.31
CA SER C 77 -24.08 7.10 -10.23
C SER C 77 -23.67 5.97 -11.16
N SER C 78 -22.39 5.90 -11.55
CA SER C 78 -21.91 4.90 -12.51
C SER C 78 -20.41 4.73 -12.42
N LEU C 79 -19.94 3.63 -11.81
CA LEU C 79 -18.51 3.40 -11.63
C LEU C 79 -17.75 3.49 -12.95
N GLN C 80 -16.55 4.11 -12.85
CA GLN C 80 -15.41 4.09 -13.74
C GLN C 80 -14.36 3.16 -13.13
N PRO C 81 -13.49 2.55 -13.92
CA PRO C 81 -12.46 1.69 -13.31
C PRO C 81 -11.47 2.42 -12.42
N GLU C 82 -11.22 3.72 -12.64
CA GLU C 82 -10.31 4.45 -11.77
C GLU C 82 -10.83 4.51 -10.35
N ASP C 83 -12.14 4.45 -10.19
CA ASP C 83 -12.82 4.62 -8.92
C ASP C 83 -12.49 3.52 -7.92
N PHE C 84 -11.51 2.65 -8.24
CA PHE C 84 -10.92 1.77 -7.24
C PHE C 84 -10.15 2.57 -6.20
N ALA C 85 -10.58 2.45 -4.94
CA ALA C 85 -10.07 3.20 -3.77
C ALA C 85 -10.77 2.73 -2.50
N THR C 86 -10.27 3.21 -1.36
CA THR C 86 -10.90 3.06 -0.05
C THR C 86 -11.47 4.42 0.37
N TYR C 87 -12.78 4.48 0.61
CA TYR C 87 -13.50 5.72 0.88
C TYR C 87 -13.77 5.88 2.36
N TYR C 88 -13.41 7.06 2.89
CA TYR C 88 -13.55 7.37 4.31
C TYR C 88 -14.46 8.57 4.50
N CYS C 89 -15.48 8.42 5.35
CA CYS C 89 -16.27 9.54 5.85
C CYS C 89 -15.58 10.09 7.09
N GLN C 90 -15.58 11.43 7.21
CA GLN C 90 -15.02 12.15 8.34
C GLN C 90 -16.05 13.12 8.90
N GLN C 91 -16.12 13.26 10.24
CA GLN C 91 -16.86 14.32 10.91
C GLN C 91 -15.87 15.30 11.52
N SER C 92 -16.04 16.57 11.17
CA SER C 92 -15.32 17.70 11.73
C SER C 92 -16.30 18.68 12.36
N TYR C 93 -17.31 18.15 13.04
CA TYR C 93 -18.26 18.97 13.77
C TYR C 93 -17.81 19.22 15.20
N SER C 94 -17.07 18.29 15.77
CA SER C 94 -16.63 18.31 17.16
C SER C 94 -15.18 17.89 17.22
N PHE C 95 -14.52 18.19 18.34
CA PHE C 95 -13.14 17.75 18.53
C PHE C 95 -13.14 16.70 19.64
N PRO C 96 -12.50 15.55 19.48
CA PRO C 96 -11.62 15.13 18.41
C PRO C 96 -12.34 14.85 17.11
N SER C 97 -11.65 15.00 15.97
CA SER C 97 -12.26 14.60 14.73
C SER C 97 -12.45 13.08 14.69
N THR C 98 -13.14 12.58 13.65
CA THR C 98 -13.40 11.15 13.54
C THR C 98 -13.58 10.72 12.10
N PHE C 99 -12.93 9.60 11.73
CA PHE C 99 -13.10 9.02 10.40
C PHE C 99 -13.92 7.73 10.40
N GLY C 100 -14.53 7.45 9.26
CA GLY C 100 -15.13 6.14 9.06
C GLY C 100 -14.06 5.06 9.12
N GLN C 101 -14.49 3.83 9.24
CA GLN C 101 -13.48 2.77 9.22
C GLN C 101 -13.08 2.41 7.80
N GLY C 102 -13.82 2.91 6.82
CA GLY C 102 -13.46 2.83 5.43
C GLY C 102 -14.22 1.74 4.69
N THR C 103 -14.42 1.95 3.39
CA THR C 103 -15.06 0.99 2.51
C THR C 103 -14.18 0.78 1.28
N LYS C 104 -13.88 -0.50 0.98
CA LYS C 104 -13.03 -0.87 -0.14
C LYS C 104 -13.89 -1.26 -1.33
N VAL C 105 -13.58 -0.67 -2.48
CA VAL C 105 -14.33 -0.87 -3.71
C VAL C 105 -13.46 -1.65 -4.67
N GLU C 106 -14.05 -2.64 -5.34
CA GLU C 106 -13.35 -3.40 -6.36
C GLU C 106 -14.02 -3.25 -7.72
N ILE C 107 -13.19 -3.19 -8.75
CA ILE C 107 -13.66 -3.29 -10.11
C ILE C 107 -14.17 -4.72 -10.35
N LYS C 108 -14.98 -4.90 -11.39
CA LYS C 108 -15.39 -6.23 -11.79
C LYS C 108 -15.26 -6.35 -13.29
N ARG C 109 -14.62 -7.42 -13.76
CA ARG C 109 -14.38 -7.59 -15.17
C ARG C 109 -14.79 -8.99 -15.58
N THR C 110 -14.58 -9.32 -16.86
CA THR C 110 -14.63 -10.71 -17.26
C THR C 110 -13.56 -11.50 -16.52
N VAL C 111 -13.66 -12.83 -16.59
CA VAL C 111 -12.65 -13.66 -15.98
C VAL C 111 -11.37 -13.58 -16.80
N ALA C 112 -10.22 -13.63 -16.14
CA ALA C 112 -8.95 -13.79 -16.82
C ALA C 112 -8.18 -14.89 -16.13
N ALA C 113 -7.80 -15.90 -16.88
CA ALA C 113 -6.99 -16.93 -16.28
C ALA C 113 -5.61 -16.36 -15.96
N PRO C 114 -4.93 -16.92 -14.96
CA PRO C 114 -3.58 -16.44 -14.65
C PRO C 114 -2.53 -17.06 -15.56
N SER C 115 -1.68 -16.20 -16.13
CA SER C 115 -0.41 -16.68 -16.69
C SER C 115 0.46 -17.16 -15.55
N VAL C 116 1.03 -18.35 -15.67
CA VAL C 116 1.73 -19.00 -14.56
C VAL C 116 3.19 -19.25 -14.92
N PHE C 117 4.07 -18.94 -13.97
CA PHE C 117 5.49 -19.21 -14.07
C PHE C 117 5.96 -19.85 -12.78
N ILE C 118 7.16 -20.44 -12.83
CA ILE C 118 7.82 -21.00 -11.66
C ILE C 118 9.30 -20.68 -11.77
N PHE C 119 9.87 -20.16 -10.68
CA PHE C 119 11.25 -19.74 -10.61
C PHE C 119 12.02 -20.64 -9.63
N PRO C 120 13.10 -21.28 -10.06
CA PRO C 120 13.96 -22.03 -9.11
C PRO C 120 15.06 -21.16 -8.55
N PRO C 121 15.46 -21.40 -7.29
CA PRO C 121 16.24 -20.40 -6.55
C PRO C 121 17.57 -20.11 -7.21
N SER C 122 17.96 -18.83 -7.15
CA SER C 122 19.17 -18.36 -7.78
C SER C 122 20.38 -19.09 -7.24
N ASP C 123 21.52 -18.92 -7.92
CA ASP C 123 22.73 -19.55 -7.45
C ASP C 123 23.31 -18.81 -6.25
N GLU C 124 23.25 -17.47 -6.26
CA GLU C 124 23.79 -16.70 -5.14
C GLU C 124 23.11 -17.08 -3.82
N GLN C 125 21.80 -17.35 -3.90
CA GLN C 125 21.02 -17.71 -2.72
C GLN C 125 21.44 -19.08 -2.18
N LEU C 126 21.54 -20.08 -3.06
CA LEU C 126 21.92 -21.42 -2.64
C LEU C 126 23.34 -21.49 -2.10
N LYS C 127 24.23 -20.57 -2.47
CA LYS C 127 25.48 -20.47 -1.72
C LYS C 127 25.25 -19.98 -0.29
N SER C 128 24.37 -19.00 -0.12
CA SER C 128 24.11 -18.50 1.21
C SER C 128 23.22 -19.43 2.02
N GLY C 129 23.02 -20.65 1.56
CA GLY C 129 22.32 -21.66 2.34
C GLY C 129 20.81 -21.56 2.36
N THR C 130 20.22 -20.60 1.65
CA THR C 130 18.77 -20.47 1.63
C THR C 130 18.27 -20.83 0.23
N ALA C 131 16.99 -21.20 0.16
CA ALA C 131 16.45 -21.75 -1.08
C ALA C 131 14.97 -21.39 -1.16
N SER C 132 14.66 -20.35 -1.93
CA SER C 132 13.28 -19.93 -2.14
C SER C 132 12.82 -20.33 -3.53
N VAL C 133 11.66 -20.96 -3.60
CA VAL C 133 10.99 -21.27 -4.87
C VAL C 133 9.83 -20.31 -5.04
N VAL C 134 9.80 -19.60 -6.15
CA VAL C 134 8.79 -18.58 -6.41
C VAL C 134 7.90 -19.05 -7.56
N CYS C 135 6.60 -18.87 -7.39
CA CYS C 135 5.59 -19.17 -8.39
C CYS C 135 4.72 -17.95 -8.62
N LEU C 136 4.66 -17.48 -9.85
CA LEU C 136 3.91 -16.27 -10.16
C LEU C 136 2.62 -16.65 -10.88
N LEU C 137 1.57 -15.87 -10.65
CA LEU C 137 0.25 -16.03 -11.27
C LEU C 137 -0.14 -14.67 -11.80
N ASN C 138 0.07 -14.42 -13.08
CA ASN C 138 0.04 -13.05 -13.56
C ASN C 138 -1.29 -12.65 -14.17
N ASN C 139 -1.71 -11.40 -13.87
CA ASN C 139 -2.76 -10.64 -14.56
C ASN C 139 -4.05 -11.43 -14.68
N PHE C 140 -4.63 -11.80 -13.55
CA PHE C 140 -5.84 -12.59 -13.55
C PHE C 140 -6.93 -11.87 -12.75
N TYR C 141 -8.12 -12.44 -12.83
CA TYR C 141 -9.37 -11.98 -12.21
C TYR C 141 -10.42 -13.08 -12.31
N PRO C 142 -11.25 -13.31 -11.27
CA PRO C 142 -11.33 -12.66 -9.95
C PRO C 142 -10.23 -13.13 -9.03
N ARG C 143 -9.94 -12.46 -7.90
CA ARG C 143 -8.71 -12.76 -7.18
C ARG C 143 -8.73 -14.17 -6.59
N GLU C 144 -9.88 -14.80 -6.57
CA GLU C 144 -10.08 -16.13 -6.03
C GLU C 144 -9.14 -17.12 -6.71
N ALA C 145 -8.15 -17.63 -5.98
CA ALA C 145 -7.23 -18.61 -6.52
C ALA C 145 -6.69 -19.48 -5.40
N LYS C 146 -6.24 -20.66 -5.79
CA LYS C 146 -5.67 -21.65 -4.89
C LYS C 146 -4.35 -22.11 -5.46
N VAL C 147 -3.26 -21.87 -4.75
CA VAL C 147 -1.95 -22.37 -5.14
C VAL C 147 -1.56 -23.49 -4.17
N GLN C 148 -0.92 -24.52 -4.70
CA GLN C 148 -0.49 -25.68 -3.92
C GLN C 148 0.88 -26.13 -4.41
N TRP C 149 1.84 -26.12 -3.50
CA TRP C 149 3.18 -26.59 -3.80
C TRP C 149 3.20 -28.09 -3.56
N LYS C 150 3.72 -28.82 -4.54
CA LYS C 150 4.01 -30.23 -4.41
C LYS C 150 5.49 -30.40 -4.69
N VAL C 151 6.20 -30.99 -3.75
CA VAL C 151 7.60 -31.35 -3.94
C VAL C 151 7.64 -32.87 -4.01
N ASP C 152 8.03 -33.39 -5.18
CA ASP C 152 8.12 -34.83 -5.46
C ASP C 152 6.75 -35.49 -5.34
N ASN C 153 5.73 -34.72 -5.75
CA ASN C 153 4.32 -35.04 -5.56
C ASN C 153 3.94 -35.18 -4.10
N ALA C 154 4.44 -34.26 -3.27
CA ALA C 154 3.99 -34.14 -1.90
C ALA C 154 3.48 -32.72 -1.71
N LEU C 155 2.19 -32.59 -1.40
CA LEU C 155 1.62 -31.28 -1.07
C LEU C 155 2.26 -30.76 0.22
N GLN C 156 2.67 -29.50 0.17
CA GLN C 156 3.33 -28.79 1.26
C GLN C 156 2.30 -28.04 2.10
N SER C 157 2.66 -27.79 3.35
CA SER C 157 1.74 -27.02 4.19
C SER C 157 2.50 -26.17 5.19
N GLY C 158 2.33 -24.85 5.08
CA GLY C 158 2.82 -23.94 6.08
C GLY C 158 4.18 -23.33 5.82
N ASN C 159 4.83 -23.65 4.71
CA ASN C 159 6.12 -23.04 4.41
C ASN C 159 6.04 -22.12 3.19
N SER C 160 4.83 -21.86 2.70
CA SER C 160 4.63 -20.98 1.56
C SER C 160 3.96 -19.70 2.03
N GLN C 161 4.34 -18.59 1.42
CA GLN C 161 3.78 -17.27 1.65
C GLN C 161 3.41 -16.66 0.33
N GLU C 162 2.24 -16.03 0.26
CA GLU C 162 1.86 -15.38 -0.97
C GLU C 162 1.57 -13.93 -0.67
N SER C 163 1.56 -13.12 -1.74
CA SER C 163 1.03 -11.77 -1.63
C SER C 163 0.38 -11.44 -2.96
N VAL C 164 -0.54 -10.47 -2.91
CA VAL C 164 -1.32 -10.15 -4.08
C VAL C 164 -1.15 -8.67 -4.37
N THR C 165 -1.09 -8.32 -5.64
CA THR C 165 -1.14 -6.95 -6.03
C THR C 165 -2.55 -6.41 -5.84
N GLU C 166 -2.66 -5.08 -5.73
CA GLU C 166 -3.95 -4.43 -5.86
C GLU C 166 -4.46 -4.55 -7.28
N GLN C 167 -5.70 -4.13 -7.49
CA GLN C 167 -6.31 -4.19 -8.81
C GLN C 167 -5.66 -3.16 -9.73
N ASP C 168 -5.01 -3.61 -10.79
CA ASP C 168 -4.45 -2.66 -11.75
C ASP C 168 -5.63 -1.95 -12.38
N SER C 169 -5.85 -0.67 -12.05
CA SER C 169 -7.12 -0.04 -12.35
C SER C 169 -7.41 -0.04 -13.85
N LYS C 170 -6.37 0.13 -14.68
CA LYS C 170 -6.56 -0.03 -16.13
C LYS C 170 -6.91 -1.48 -16.46
N ASP C 171 -6.14 -2.42 -15.93
CA ASP C 171 -6.36 -3.85 -16.18
C ASP C 171 -7.62 -4.36 -15.50
N SER C 172 -7.83 -3.97 -14.24
CA SER C 172 -8.85 -4.52 -13.34
C SER C 172 -8.52 -5.94 -12.89
N THR C 173 -7.25 -6.30 -12.85
CA THR C 173 -6.83 -7.67 -12.58
C THR C 173 -5.85 -7.70 -11.42
N TYR C 174 -5.40 -8.90 -11.10
CA TYR C 174 -4.56 -9.20 -9.94
C TYR C 174 -3.34 -10.02 -10.37
N SER C 175 -2.26 -9.92 -9.59
CA SER C 175 -1.12 -10.81 -9.71
C SER C 175 -0.83 -11.41 -8.36
N LEU C 176 -0.29 -12.63 -8.33
CA LEU C 176 -0.02 -13.31 -7.08
C LEU C 176 1.36 -13.93 -7.15
N SER C 177 2.02 -14.02 -6.01
CA SER C 177 3.39 -14.52 -5.95
C SER C 177 3.55 -15.40 -4.71
N SER C 178 3.32 -16.70 -4.88
CA SER C 178 3.50 -17.70 -3.83
C SER C 178 4.97 -18.12 -3.72
N THR C 179 5.48 -18.21 -2.48
CA THR C 179 6.91 -18.42 -2.26
C THR C 179 7.11 -19.52 -1.23
N LEU C 180 7.38 -20.73 -1.70
CA LEU C 180 7.81 -21.79 -0.79
C LEU C 180 9.27 -21.53 -0.40
N THR C 181 9.58 -21.69 0.89
CA THR C 181 10.97 -21.49 1.31
C THR C 181 11.46 -22.69 2.12
N LEU C 182 12.70 -23.10 1.84
CA LEU C 182 13.33 -24.28 2.42
C LEU C 182 14.78 -23.97 2.70
N SER C 183 15.32 -24.65 3.70
CA SER C 183 16.76 -24.57 3.88
C SER C 183 17.44 -25.25 2.70
N LYS C 184 18.71 -24.89 2.47
CA LYS C 184 19.44 -25.53 1.38
C LYS C 184 19.38 -27.04 1.50
N ALA C 185 19.45 -27.55 2.72
CA ALA C 185 19.39 -29.00 2.93
C ALA C 185 18.08 -29.59 2.42
N ASP C 186 16.95 -29.06 2.90
CA ASP C 186 15.66 -29.60 2.50
C ASP C 186 15.46 -29.49 1.00
N TYR C 187 16.04 -28.47 0.38
CA TYR C 187 15.92 -28.30 -1.07
C TYR C 187 16.72 -29.35 -1.84
N GLU C 188 17.84 -29.79 -1.29
CA GLU C 188 18.68 -30.76 -1.98
C GLU C 188 18.24 -32.19 -1.76
N LYS C 189 17.12 -32.42 -1.09
CA LYS C 189 16.60 -33.78 -0.89
C LYS C 189 15.58 -34.19 -1.94
N HIS C 190 15.25 -33.31 -2.88
CA HIS C 190 14.14 -33.59 -3.76
C HIS C 190 14.51 -33.19 -5.18
N LYS C 191 13.76 -33.71 -6.14
CA LYS C 191 14.07 -33.35 -7.52
C LYS C 191 13.03 -32.40 -8.10
N VAL C 192 11.76 -32.75 -7.95
CA VAL C 192 10.67 -32.08 -8.67
C VAL C 192 10.02 -31.03 -7.77
N TYR C 193 10.03 -29.78 -8.20
CA TYR C 193 9.31 -28.73 -7.51
C TYR C 193 8.22 -28.21 -8.43
N ALA C 194 6.99 -28.09 -7.90
CA ALA C 194 5.81 -27.86 -8.74
C ALA C 194 4.76 -27.03 -8.04
N CYS C 195 4.14 -26.13 -8.81
CA CYS C 195 3.20 -25.11 -8.33
C CYS C 195 1.82 -25.30 -8.95
N GLU C 196 0.82 -25.64 -8.13
CA GLU C 196 -0.47 -26.09 -8.64
C GLU C 196 -1.54 -25.04 -8.44
N VAL C 197 -1.90 -24.36 -9.53
CA VAL C 197 -2.83 -23.25 -9.56
C VAL C 197 -4.22 -23.76 -9.89
N THR C 198 -5.22 -23.36 -9.11
CA THR C 198 -6.62 -23.65 -9.41
C THR C 198 -7.36 -22.33 -9.52
N HIS C 199 -7.86 -21.99 -10.70
CA HIS C 199 -8.54 -20.71 -10.84
C HIS C 199 -9.80 -20.91 -11.66
N GLN C 200 -10.73 -19.97 -11.50
CA GLN C 200 -11.99 -20.03 -12.21
C GLN C 200 -11.82 -19.97 -13.72
N GLY C 201 -10.82 -19.24 -14.21
CA GLY C 201 -10.52 -19.17 -15.63
C GLY C 201 -9.85 -20.41 -16.19
N LEU C 202 -9.39 -21.32 -15.35
CA LEU C 202 -8.73 -22.52 -15.80
C LEU C 202 -9.69 -23.69 -15.63
N SER C 203 -9.93 -24.41 -16.72
CA SER C 203 -10.76 -25.62 -16.66
C SER C 203 -9.99 -26.81 -16.06
N SER C 204 -8.67 -26.69 -15.88
CA SER C 204 -7.88 -27.74 -15.27
C SER C 204 -6.70 -27.14 -14.52
N PRO C 205 -6.41 -27.63 -13.34
CA PRO C 205 -5.36 -27.02 -12.52
C PRO C 205 -3.97 -27.02 -13.15
N VAL C 206 -3.53 -25.84 -13.63
CA VAL C 206 -2.21 -25.69 -14.26
C VAL C 206 -1.11 -25.98 -13.25
N THR C 207 -0.10 -26.75 -13.68
CA THR C 207 1.12 -26.98 -12.93
C THR C 207 2.30 -26.55 -13.79
N LYS C 208 3.06 -25.57 -13.31
CA LYS C 208 4.42 -25.36 -13.78
C LYS C 208 5.37 -26.04 -12.80
N SER C 209 6.40 -26.69 -13.33
CA SER C 209 7.36 -27.36 -12.47
C SER C 209 8.73 -27.34 -13.12
N PHE C 210 9.73 -27.69 -12.31
CA PHE C 210 11.11 -27.84 -12.74
C PHE C 210 11.74 -28.96 -11.93
N ASN C 211 12.80 -29.54 -12.47
CA ASN C 211 13.63 -30.48 -11.73
C ASN C 211 14.88 -29.77 -11.26
N ARG C 212 15.43 -30.24 -10.15
CA ARG C 212 16.66 -29.67 -9.63
C ARG C 212 17.84 -29.99 -10.54
N GLY C 213 18.48 -28.95 -11.07
CA GLY C 213 19.73 -29.09 -11.80
C GLY C 213 19.61 -29.03 -13.30
N GLU C 214 18.40 -29.21 -13.86
CA GLU C 214 18.22 -29.06 -15.29
C GLU C 214 18.60 -27.65 -15.71
N CYS C 215 19.49 -27.55 -16.69
CA CYS C 215 20.11 -26.28 -17.04
C CYS C 215 19.20 -25.36 -17.86
#